data_6L5K
#
_entry.id   6L5K
#
_cell.length_a   79.894
_cell.length_b   79.894
_cell.length_c   116.025
_cell.angle_alpha   90.000
_cell.angle_beta   90.000
_cell.angle_gamma   90.000
#
_symmetry.space_group_name_H-M   'P 41 21 2'
#
loop_
_entity.id
_entity.type
_entity.pdbx_description
1 polymer 'Auxin response factor 5'
2 polymer 'Auxin-responsive protein IAA17'
3 water water
#
loop_
_entity_poly.entity_id
_entity_poly.type
_entity_poly.pdbx_seq_one_letter_code
_entity_poly.pdbx_strand_id
1 'polypeptide(L)'
;GTPRVRTYTDVQKTGSVGRSIDVTSFKDYEELKSAIESMFGLEGLLTHPQSSGWKLVYVDYESDVLLVGDDPWEEFVGSV
RSIRILSPTEVQQMSEEG
;
A
2 'polypeptide(L)'
;GGPEAAAFVKVSMDGAPYLRKIDLRMYKSYDELSNALSNMFSSFTMGKHGGEEGMIDFMNERKLMDLVNSWDYVPSYENK
DGNWMLVGDVPWPMFVDTAKRLRLMKGSDAIGL
;
B
#
# COMPACT_ATOMS: atom_id res chain seq x y z
N VAL A 5 19.72 -20.03 -2.22
CA VAL A 5 19.26 -18.71 -2.66
C VAL A 5 17.92 -18.37 -1.97
N ARG A 6 17.97 -17.63 -0.87
CA ARG A 6 16.80 -17.23 -0.08
C ARG A 6 16.70 -15.70 0.02
N THR A 7 15.53 -15.21 0.43
CA THR A 7 15.23 -13.79 0.33
C THR A 7 16.18 -12.90 1.14
N TYR A 8 16.12 -12.99 2.47
CA TYR A 8 16.95 -12.17 3.36
C TYR A 8 16.76 -10.68 3.06
N THR A 9 15.56 -10.22 3.35
CA THR A 9 15.14 -8.84 3.10
C THR A 9 15.47 -7.97 4.31
N ASP A 10 15.99 -6.77 4.05
CA ASP A 10 16.38 -5.87 5.13
C ASP A 10 15.16 -5.21 5.75
N VAL A 11 15.13 -5.17 7.08
CA VAL A 11 14.13 -4.41 7.83
C VAL A 11 14.85 -3.30 8.61
N GLN A 12 14.33 -2.08 8.52
CA GLN A 12 15.02 -0.89 8.99
C GLN A 12 14.07 0.01 9.78
N LYS A 13 14.62 0.67 10.79
CA LYS A 13 13.87 1.56 11.67
C LYS A 13 14.81 2.66 12.12
N THR A 14 14.37 3.91 11.98
CA THR A 14 15.21 5.03 12.36
C THR A 14 15.47 5.02 13.87
N GLY A 15 16.76 4.99 14.25
CA GLY A 15 17.18 5.02 15.62
C GLY A 15 17.54 3.66 16.19
N SER A 16 16.98 2.59 15.63
CA SER A 16 17.48 1.27 15.92
C SER A 16 18.40 0.85 14.78
N VAL A 17 19.09 -0.26 14.96
CA VAL A 17 19.99 -0.78 13.95
C VAL A 17 19.29 -1.88 13.14
N GLY A 18 19.53 -1.90 11.84
CA GLY A 18 18.76 -2.72 10.93
C GLY A 18 18.90 -4.21 11.18
N ARG A 19 18.01 -4.96 10.53
CA ARG A 19 17.99 -6.41 10.57
C ARG A 19 17.67 -6.98 9.19
N SER A 20 18.12 -8.20 8.95
CA SER A 20 17.80 -8.94 7.76
C SER A 20 16.95 -10.14 8.15
N ILE A 21 15.81 -10.32 7.48
CA ILE A 21 15.02 -11.52 7.68
C ILE A 21 14.58 -12.06 6.35
N ASP A 22 14.17 -13.33 6.38
CA ASP A 22 13.58 -14.03 5.26
C ASP A 22 12.07 -14.08 5.44
N VAL A 23 11.34 -13.53 4.48
CA VAL A 23 9.89 -13.45 4.64
C VAL A 23 9.22 -14.81 4.46
N THR A 24 9.84 -15.74 3.74
CA THR A 24 9.22 -17.05 3.51
C THR A 24 9.22 -17.90 4.78
N SER A 25 9.94 -17.48 5.82
CA SER A 25 9.87 -18.18 7.11
C SER A 25 8.48 -18.10 7.71
N PHE A 26 7.68 -17.11 7.33
CA PHE A 26 6.32 -16.90 7.81
C PHE A 26 5.32 -17.18 6.71
N LYS A 27 4.10 -17.54 7.12
CA LYS A 27 3.07 -17.92 6.17
C LYS A 27 2.15 -16.76 5.79
N ASP A 28 1.76 -15.91 6.74
CA ASP A 28 0.90 -14.78 6.43
C ASP A 28 1.46 -13.50 7.00
N TYR A 29 0.81 -12.40 6.62
CA TYR A 29 1.25 -11.08 7.03
C TYR A 29 1.37 -10.97 8.53
N GLU A 30 0.40 -11.51 9.27
CA GLU A 30 0.40 -11.32 10.72
C GLU A 30 1.67 -11.86 11.35
N GLU A 31 2.12 -13.04 10.93
CA GLU A 31 3.36 -13.59 11.49
C GLU A 31 4.56 -12.73 11.14
N LEU A 32 4.54 -12.08 9.98
CA LEU A 32 5.63 -11.20 9.61
C LEU A 32 5.65 -9.96 10.50
N LYS A 33 4.49 -9.37 10.75
CA LYS A 33 4.46 -8.22 11.63
C LYS A 33 4.84 -8.63 13.05
N SER A 34 4.22 -9.68 13.56
CA SER A 34 4.48 -10.07 14.95
C SER A 34 5.96 -10.37 15.20
N ALA A 35 6.66 -10.88 14.19
CA ALA A 35 8.09 -11.09 14.37
C ALA A 35 8.84 -9.77 14.35
N ILE A 36 8.51 -8.90 13.39
CA ILE A 36 9.17 -7.59 13.36
C ILE A 36 8.86 -6.81 14.62
N GLU A 37 7.61 -6.87 15.09
CA GLU A 37 7.26 -6.30 16.38
C GLU A 37 8.22 -6.74 17.48
N SER A 38 8.37 -8.05 17.69
CA SER A 38 9.19 -8.46 18.82
C SER A 38 10.66 -8.13 18.62
N MET A 39 11.08 -7.80 17.39
CA MET A 39 12.50 -7.52 17.15
C MET A 39 12.90 -6.10 17.52
N PHE A 40 11.97 -5.17 17.50
CA PHE A 40 12.25 -3.78 17.82
C PHE A 40 11.48 -3.35 19.06
N GLY A 41 10.94 -4.29 19.82
CA GLY A 41 10.18 -3.94 20.99
C GLY A 41 8.94 -3.13 20.72
N LEU A 42 8.33 -3.26 19.54
CA LEU A 42 7.09 -2.57 19.24
C LEU A 42 5.87 -3.46 19.42
N GLU A 43 5.97 -4.48 20.26
CA GLU A 43 4.92 -5.47 20.41
C GLU A 43 3.56 -4.82 20.59
N GLY A 44 2.63 -5.14 19.67
CA GLY A 44 1.26 -4.73 19.75
C GLY A 44 0.88 -3.57 18.85
N LEU A 45 1.87 -2.93 18.24
CA LEU A 45 1.66 -1.69 17.50
C LEU A 45 1.53 -1.87 15.99
N LEU A 46 2.10 -2.93 15.43
CA LEU A 46 1.90 -3.24 14.02
C LEU A 46 0.67 -4.10 13.78
N THR A 47 0.26 -4.87 14.76
CA THR A 47 -0.86 -5.79 14.65
C THR A 47 -1.90 -5.38 15.68
N HIS A 48 -2.62 -4.31 15.38
CA HIS A 48 -3.63 -3.91 16.32
C HIS A 48 -4.93 -3.63 15.61
N PRO A 49 -6.05 -4.14 16.14
CA PRO A 49 -7.35 -3.85 15.52
C PRO A 49 -7.59 -2.37 15.29
N GLN A 50 -7.01 -1.51 16.10
CA GLN A 50 -7.34 -0.10 16.08
C GLN A 50 -6.25 0.78 15.44
N SER A 51 -5.32 0.18 14.70
CA SER A 51 -4.44 0.91 13.76
C SER A 51 -3.57 1.92 14.49
N SER A 52 -2.60 1.38 15.23
CA SER A 52 -1.81 2.09 16.24
C SER A 52 -1.29 3.47 15.87
N GLY A 53 -1.03 3.74 14.60
CA GLY A 53 -0.37 4.98 14.22
C GLY A 53 1.03 4.76 13.73
N TRP A 54 1.62 3.64 14.09
CA TRP A 54 2.83 3.15 13.45
C TRP A 54 2.44 2.44 12.15
N LYS A 55 3.26 2.61 11.13
CA LYS A 55 2.99 2.07 9.81
C LYS A 55 4.19 1.22 9.37
N LEU A 56 3.94 0.08 8.75
CA LEU A 56 5.00 -0.72 8.16
C LEU A 56 4.86 -0.71 6.65
N VAL A 57 5.93 -0.36 5.94
CA VAL A 57 5.92 -0.19 4.49
C VAL A 57 7.04 -1.02 3.87
N TYR A 58 7.00 -1.16 2.56
CA TYR A 58 8.05 -1.86 1.86
C TYR A 58 8.33 -1.19 0.53
N VAL A 59 9.45 -1.57 -0.07
CA VAL A 59 9.77 -1.17 -1.42
C VAL A 59 9.81 -2.40 -2.30
N ASP A 60 9.09 -2.35 -3.41
CA ASP A 60 9.01 -3.44 -4.37
C ASP A 60 10.01 -3.19 -5.48
N TYR A 61 10.18 -4.19 -6.34
CA TYR A 61 11.25 -4.08 -7.31
C TYR A 61 10.98 -3.04 -8.37
N GLU A 62 9.77 -2.52 -8.42
CA GLU A 62 9.46 -1.38 -9.25
C GLU A 62 9.73 -0.06 -8.53
N SER A 63 10.35 -0.11 -7.32
CA SER A 63 10.85 1.07 -6.60
C SER A 63 9.74 2.07 -6.26
N ASP A 64 8.63 1.53 -5.76
CA ASP A 64 7.54 2.26 -5.15
C ASP A 64 7.51 1.90 -3.67
N VAL A 65 6.84 2.72 -2.87
CA VAL A 65 6.78 2.49 -1.43
C VAL A 65 5.34 2.28 -1.01
N LEU A 66 5.07 1.08 -0.49
CA LEU A 66 3.72 0.54 -0.40
C LEU A 66 3.47 0.01 0.99
N LEU A 67 2.23 0.10 1.42
CA LEU A 67 1.87 -0.41 2.72
C LEU A 67 1.90 -1.92 2.72
N VAL A 68 2.45 -2.49 3.77
CA VAL A 68 2.51 -3.93 3.90
C VAL A 68 1.13 -4.46 4.27
N GLY A 69 0.65 -5.43 3.47
CA GLY A 69 -0.60 -6.12 3.73
C GLY A 69 -1.58 -6.10 2.59
N ASP A 70 -1.44 -5.21 1.60
CA ASP A 70 -2.44 -5.09 0.54
C ASP A 70 -2.32 -6.20 -0.49
N ASP A 71 -1.14 -6.31 -1.08
CA ASP A 71 -0.79 -7.39 -1.99
C ASP A 71 -1.06 -8.73 -1.32
N PRO A 72 -1.57 -9.71 -2.07
CA PRO A 72 -1.67 -11.06 -1.51
C PRO A 72 -0.28 -11.58 -1.16
N TRP A 73 -0.22 -12.35 -0.06
CA TRP A 73 1.06 -12.78 0.49
C TRP A 73 1.98 -13.34 -0.60
N GLU A 74 1.42 -14.11 -1.52
CA GLU A 74 2.25 -14.88 -2.44
C GLU A 74 2.92 -13.98 -3.48
N GLU A 75 2.28 -12.89 -3.85
CA GLU A 75 2.93 -11.96 -4.76
C GLU A 75 3.96 -11.14 -4.02
N PHE A 76 3.64 -10.77 -2.78
CA PHE A 76 4.45 -9.83 -2.03
C PHE A 76 5.84 -10.39 -1.76
N VAL A 77 5.91 -11.64 -1.32
CA VAL A 77 7.19 -12.30 -1.09
C VAL A 77 8.11 -12.11 -2.29
N GLY A 78 7.57 -12.22 -3.49
CA GLY A 78 8.36 -12.00 -4.69
C GLY A 78 8.63 -10.54 -5.03
N SER A 79 7.69 -9.66 -4.66
CA SER A 79 7.87 -8.24 -4.97
C SER A 79 8.75 -7.51 -3.95
N VAL A 80 8.74 -7.94 -2.69
CA VAL A 80 9.34 -7.12 -1.63
C VAL A 80 10.85 -7.16 -1.73
N ARG A 81 11.46 -5.99 -1.53
CA ARG A 81 12.90 -5.74 -1.67
C ARG A 81 13.51 -5.22 -0.38
N SER A 82 12.88 -4.26 0.28
CA SER A 82 13.32 -3.79 1.57
C SER A 82 12.09 -3.34 2.35
N ILE A 83 12.14 -3.51 3.66
CA ILE A 83 11.02 -3.17 4.53
C ILE A 83 11.48 -2.10 5.51
N ARG A 84 10.53 -1.31 6.03
CA ARG A 84 10.89 -0.15 6.84
C ARG A 84 9.76 0.21 7.80
N ILE A 85 10.14 0.60 9.02
CA ILE A 85 9.17 0.95 10.06
C ILE A 85 9.06 2.47 10.16
N LEU A 86 7.84 2.97 10.29
CA LEU A 86 7.59 4.40 10.33
C LEU A 86 6.84 4.80 11.59
N SER A 87 7.49 5.58 12.45
CA SER A 87 6.87 6.16 13.62
C SER A 87 5.76 7.14 13.23
N PRO A 88 4.79 7.38 14.12
CA PRO A 88 3.77 8.37 13.84
C PRO A 88 4.31 9.67 13.33
N THR A 89 5.41 10.13 13.92
CA THR A 89 6.02 11.38 13.46
C THR A 89 6.55 11.22 12.05
N GLU A 90 7.32 10.15 11.81
CA GLU A 90 7.90 9.88 10.49
C GLU A 90 6.83 9.85 9.41
N VAL A 91 5.73 9.13 9.67
CA VAL A 91 4.61 9.06 8.74
C VAL A 91 4.23 10.46 8.33
N GLN A 92 4.57 11.45 9.12
CA GLN A 92 4.03 12.74 8.78
C GLN A 92 5.04 13.73 8.27
N GLN A 93 6.34 13.54 8.52
CA GLN A 93 7.30 14.24 7.67
C GLN A 93 7.05 13.91 6.21
N MET A 94 6.48 12.73 5.95
CA MET A 94 6.27 12.22 4.61
C MET A 94 4.96 12.68 3.97
N SER A 95 3.96 13.01 4.77
CA SER A 95 2.73 13.62 4.28
C SER A 95 2.91 15.10 3.93
N GLU A 96 1.88 15.67 3.32
CA GLU A 96 1.89 17.06 2.91
C GLU A 96 0.52 17.67 3.09
N ALA B 5 -11.56 -13.94 -10.09
CA ALA B 5 -10.66 -13.30 -11.05
C ALA B 5 -10.11 -11.97 -10.48
N ALA B 6 -9.17 -12.03 -9.53
CA ALA B 6 -8.72 -10.83 -8.83
C ALA B 6 -7.93 -9.89 -9.73
N ALA B 7 -8.07 -8.58 -9.48
CA ALA B 7 -7.45 -7.52 -10.29
C ALA B 7 -6.92 -6.43 -9.36
N PHE B 8 -5.63 -6.53 -9.01
CA PHE B 8 -4.98 -5.67 -8.04
C PHE B 8 -4.13 -4.60 -8.74
N VAL B 9 -4.47 -3.32 -8.54
CA VAL B 9 -3.62 -2.23 -9.02
C VAL B 9 -3.06 -1.44 -7.84
N LYS B 10 -1.99 -0.68 -8.11
CA LYS B 10 -1.47 0.28 -7.16
C LYS B 10 -2.23 1.60 -7.25
N VAL B 11 -2.34 2.28 -6.11
CA VAL B 11 -3.03 3.55 -6.03
C VAL B 11 -2.09 4.56 -5.37
N SER B 12 -1.80 5.64 -6.08
CA SER B 12 -0.94 6.70 -5.59
C SER B 12 -1.80 7.90 -5.32
N MET B 13 -1.74 8.42 -4.11
CA MET B 13 -2.24 9.76 -3.89
C MET B 13 -1.07 10.70 -3.87
N ASP B 14 -1.20 11.80 -4.59
CA ASP B 14 -0.12 12.78 -4.62
C ASP B 14 -0.04 13.45 -3.26
N GLY B 15 1.16 13.44 -2.69
CA GLY B 15 1.34 13.89 -1.36
C GLY B 15 1.11 12.85 -0.29
N ALA B 16 0.49 11.73 -0.61
CA ALA B 16 0.36 10.69 0.39
C ALA B 16 1.75 10.23 0.82
N PRO B 17 1.88 9.74 2.05
CA PRO B 17 3.19 9.20 2.49
C PRO B 17 3.59 7.92 1.76
N TYR B 18 2.66 7.02 1.53
CA TYR B 18 2.94 5.73 0.90
C TYR B 18 1.84 5.42 -0.10
N LEU B 19 1.99 4.28 -0.76
CA LEU B 19 1.06 3.84 -1.79
C LEU B 19 0.30 2.62 -1.30
N ARG B 20 -0.86 2.39 -1.90
CA ARG B 20 -1.71 1.28 -1.54
C ARG B 20 -2.07 0.45 -2.77
N LYS B 21 -2.65 -0.73 -2.54
CA LYS B 21 -3.13 -1.61 -3.61
C LYS B 21 -4.56 -2.01 -3.30
N ILE B 22 -5.39 -2.14 -4.37
CA ILE B 22 -6.80 -2.54 -4.27
C ILE B 22 -7.06 -3.67 -5.24
N ASP B 23 -8.05 -4.48 -4.91
CA ASP B 23 -8.59 -5.49 -5.81
C ASP B 23 -9.82 -4.92 -6.50
N LEU B 24 -9.68 -4.54 -7.76
CA LEU B 24 -10.80 -3.96 -8.49
C LEU B 24 -11.97 -4.95 -8.63
N ARG B 25 -11.70 -6.24 -8.64
CA ARG B 25 -12.79 -7.19 -8.82
C ARG B 25 -13.70 -7.28 -7.61
N MET B 26 -13.35 -6.68 -6.50
CA MET B 26 -14.23 -6.68 -5.33
C MET B 26 -15.19 -5.50 -5.30
N TYR B 27 -15.24 -4.71 -6.38
CA TYR B 27 -16.15 -3.59 -6.48
C TYR B 27 -16.93 -3.67 -7.78
N LYS B 28 -18.06 -2.98 -7.81
CA LYS B 28 -19.00 -3.15 -8.89
C LYS B 28 -19.25 -1.86 -9.67
N SER B 29 -19.44 -0.73 -8.99
CA SER B 29 -19.58 0.53 -9.70
C SER B 29 -18.42 1.46 -9.40
N TYR B 30 -18.22 2.44 -10.28
CA TYR B 30 -17.27 3.52 -10.02
C TYR B 30 -17.51 4.13 -8.65
N ASP B 31 -18.77 4.51 -8.38
CA ASP B 31 -19.10 5.06 -7.07
C ASP B 31 -18.74 4.08 -5.97
N GLU B 32 -18.91 2.78 -6.22
CA GLU B 32 -18.50 1.78 -5.24
C GLU B 32 -16.98 1.76 -5.08
N LEU B 33 -16.24 2.07 -6.15
CA LEU B 33 -14.80 2.23 -6.03
C LEU B 33 -14.45 3.53 -5.33
N SER B 34 -15.16 4.61 -5.65
CA SER B 34 -14.72 5.93 -5.20
C SER B 34 -14.81 6.04 -3.68
N ASN B 35 -15.92 5.62 -3.07
CA ASN B 35 -16.00 5.69 -1.61
C ASN B 35 -15.09 4.67 -0.94
N ALA B 36 -14.69 3.62 -1.64
CA ALA B 36 -13.73 2.66 -1.09
C ALA B 36 -12.35 3.29 -0.94
N LEU B 37 -11.96 4.09 -1.92
CA LEU B 37 -10.66 4.75 -1.86
C LEU B 37 -10.65 5.86 -0.82
N SER B 38 -11.69 6.69 -0.78
CA SER B 38 -11.68 7.81 0.16
C SER B 38 -11.45 7.31 1.58
N ASN B 39 -11.85 6.07 1.88
CA ASN B 39 -11.62 5.51 3.21
C ASN B 39 -10.24 4.89 3.39
N MET B 40 -9.61 4.44 2.30
CA MET B 40 -8.19 4.09 2.35
C MET B 40 -7.35 5.29 2.78
N PHE B 41 -7.51 6.41 2.08
CA PHE B 41 -6.79 7.66 2.35
C PHE B 41 -7.54 8.56 3.33
N SER B 42 -8.49 7.99 4.09
CA SER B 42 -9.28 8.79 5.02
C SER B 42 -8.41 9.34 6.14
N SER B 43 -7.43 8.56 6.59
CA SER B 43 -6.53 9.04 7.63
C SER B 43 -5.66 10.18 7.11
N PHE B 44 -5.35 10.20 5.82
CA PHE B 44 -4.66 11.32 5.21
C PHE B 44 -5.59 12.49 4.89
N THR B 45 -6.86 12.20 4.56
CA THR B 45 -7.75 13.26 4.09
C THR B 45 -8.19 14.21 5.20
N MET B 46 -8.29 13.74 6.44
CA MET B 46 -8.79 14.57 7.53
C MET B 46 -7.64 15.34 8.17
N GLY B 47 -7.69 16.67 8.06
CA GLY B 47 -6.62 17.53 8.54
C GLY B 47 -5.60 17.82 7.45
N SER B 70 -14.58 17.68 1.58
CA SER B 70 -15.12 16.43 1.05
C SER B 70 -13.97 15.52 0.55
N TRP B 71 -14.13 15.10 -0.72
CA TRP B 71 -13.04 14.62 -1.56
C TRP B 71 -12.90 15.61 -2.73
N ASP B 72 -11.71 16.24 -2.87
CA ASP B 72 -11.41 17.23 -3.92
C ASP B 72 -10.40 16.74 -4.95
N TYR B 73 -10.09 15.44 -4.97
CA TYR B 73 -9.13 14.85 -5.88
C TYR B 73 -9.84 14.21 -7.10
N VAL B 74 -9.10 14.03 -8.17
CA VAL B 74 -9.63 13.48 -9.43
C VAL B 74 -8.83 12.21 -9.78
N PRO B 75 -9.53 11.10 -10.03
CA PRO B 75 -8.80 9.85 -10.29
C PRO B 75 -8.35 9.73 -11.74
N SER B 76 -7.19 9.13 -11.93
CA SER B 76 -6.70 8.80 -13.26
C SER B 76 -6.10 7.40 -13.21
N TYR B 77 -6.26 6.65 -14.29
CA TYR B 77 -5.67 5.33 -14.40
C TYR B 77 -4.72 5.33 -15.59
N GLU B 78 -3.98 4.24 -15.72
CA GLU B 78 -3.08 4.12 -16.84
C GLU B 78 -3.32 2.81 -17.56
N ASN B 79 -3.52 2.92 -18.88
CA ASN B 79 -3.89 1.83 -19.77
C ASN B 79 -2.70 0.91 -20.00
N LYS B 80 -2.88 -0.05 -20.90
CA LYS B 80 -1.84 -1.02 -21.19
C LYS B 80 -0.72 -0.42 -22.03
N ASP B 81 -1.00 0.62 -22.81
CA ASP B 81 0.00 1.26 -23.64
C ASP B 81 0.77 2.35 -22.88
N GLY B 82 0.54 2.48 -21.58
CA GLY B 82 1.36 3.32 -20.73
C GLY B 82 1.00 4.78 -20.66
N ASN B 83 -0.27 5.14 -20.89
CA ASN B 83 -0.72 6.52 -20.90
C ASN B 83 -1.79 6.71 -19.84
N TRP B 84 -2.01 7.96 -19.43
CA TRP B 84 -2.88 8.26 -18.29
C TRP B 84 -4.22 8.79 -18.77
N MET B 85 -5.29 8.09 -18.39
CA MET B 85 -6.64 8.36 -18.82
C MET B 85 -7.52 8.61 -17.60
N LEU B 86 -8.43 9.57 -17.72
CA LEU B 86 -9.31 9.90 -16.63
C LEU B 86 -10.34 8.81 -16.37
N VAL B 87 -10.73 8.68 -15.10
CA VAL B 87 -11.57 7.60 -14.63
C VAL B 87 -13.03 7.99 -14.77
N GLY B 88 -13.82 7.11 -15.34
CA GLY B 88 -15.25 7.28 -15.43
C GLY B 88 -15.83 7.24 -16.83
N ASP B 89 -15.03 7.50 -17.87
CA ASP B 89 -15.58 7.57 -19.23
C ASP B 89 -16.05 6.19 -19.69
N VAL B 90 -15.11 5.28 -19.82
CA VAL B 90 -15.40 3.89 -20.20
C VAL B 90 -16.19 3.22 -19.10
N PRO B 91 -17.27 2.49 -19.41
CA PRO B 91 -18.07 1.85 -18.36
C PRO B 91 -17.24 0.86 -17.55
N TRP B 92 -17.74 0.58 -16.35
CA TRP B 92 -16.97 -0.13 -15.33
C TRP B 92 -16.37 -1.45 -15.79
N PRO B 93 -17.12 -2.38 -16.40
CA PRO B 93 -16.53 -3.70 -16.72
C PRO B 93 -15.29 -3.61 -17.60
N MET B 94 -15.27 -2.72 -18.59
CA MET B 94 -14.07 -2.55 -19.41
C MET B 94 -12.98 -1.83 -18.64
N PHE B 95 -13.38 -0.95 -17.72
CA PHE B 95 -12.39 -0.27 -16.88
C PHE B 95 -11.54 -1.28 -16.12
N VAL B 96 -12.17 -2.25 -15.46
CA VAL B 96 -11.44 -3.20 -14.63
C VAL B 96 -10.40 -3.98 -15.42
N ASP B 97 -10.60 -4.15 -16.72
CA ASP B 97 -9.60 -4.85 -17.53
C ASP B 97 -8.57 -3.90 -18.15
N THR B 98 -8.91 -2.61 -18.31
CA THR B 98 -8.03 -1.65 -18.99
C THR B 98 -6.98 -1.04 -18.07
N ALA B 99 -7.26 -0.88 -16.77
CA ALA B 99 -6.49 -0.02 -15.88
C ALA B 99 -5.45 -0.85 -15.12
N LYS B 100 -4.19 -0.41 -15.22
CA LYS B 100 -3.06 -1.11 -14.60
C LYS B 100 -2.45 -0.39 -13.40
N ARG B 101 -2.88 0.84 -13.11
CA ARG B 101 -2.33 1.64 -12.02
C ARG B 101 -3.21 2.87 -11.83
N LEU B 102 -3.29 3.34 -10.59
CA LEU B 102 -4.19 4.42 -10.22
C LEU B 102 -3.42 5.60 -9.65
N ARG B 103 -3.94 6.81 -9.87
CA ARG B 103 -3.34 8.03 -9.33
C ARG B 103 -4.40 9.08 -9.12
N LEU B 104 -4.37 9.70 -7.95
CA LEU B 104 -5.35 10.69 -7.54
C LEU B 104 -4.64 12.02 -7.44
N MET B 105 -4.99 12.94 -8.32
CA MET B 105 -4.32 14.23 -8.45
C MET B 105 -5.11 15.33 -7.74
N LYS B 106 -4.39 16.33 -7.23
CA LYS B 106 -5.03 17.47 -6.56
C LYS B 106 -5.22 18.63 -7.54
N GLY B 107 -6.35 19.32 -7.42
CA GLY B 107 -6.73 20.41 -8.33
C GLY B 107 -5.66 21.40 -8.75
#